data_1WTD
#
_entry.id   1WTD
#
_cell.length_a   175.551
_cell.length_b   175.551
_cell.length_c   44.603
_cell.angle_alpha   90.00
_cell.angle_beta   90.00
_cell.angle_gamma   90.00
#
_symmetry.space_group_name_H-M   'I 4'
#
loop_
_entity.id
_entity.type
_entity.pdbx_description
1 polymer EcoO109IR
2 non-polymer GLYCEROL
3 water water
#
_entity_poly.entity_id   1
_entity_poly.type   'polypeptide(L)'
_entity_poly.pdbx_seq_one_letter_code
;MNKQEVILKVQECAAWWILERQSKLTKLMSETMSINPFMTPFIFDYHSLNDFDELVEAIIAKHLMTGHDTGFGKLIDEKI
LPRVFGAYKLDKSYRAANEPFIHPCFDEIDHVIQRDDGRIELLSLKAGKWTIQLTMAVQLNKAFHEIINNYPGVADNIVV
GVFYGNSHGLTDKYRILRGINTGANHNVIDIRDKVHVYAGKEFWSWLNNGEAETQHWVLEGIERAVKEADIKEKNKDLIE
KFKEHVAKKYNEQVLNADGTAQWHKLLEMINE
;
_entity_poly.pdbx_strand_id   A,B
#
loop_
_chem_comp.id
_chem_comp.type
_chem_comp.name
_chem_comp.formula
GOL non-polymer GLYCEROL 'C3 H8 O3'
#
# COMPACT_ATOMS: atom_id res chain seq x y z
N MET A 1 -0.51 4.32 -31.89
CA MET A 1 -1.17 5.56 -32.41
C MET A 1 0.20 5.69 -33.14
N ASN A 2 0.74 6.87 -33.34
CA ASN A 2 1.94 6.97 -34.16
C ASN A 2 3.00 7.23 -33.10
N LYS A 3 4.23 6.79 -33.34
CA LYS A 3 5.32 6.87 -32.38
C LYS A 3 5.45 8.22 -31.67
N GLN A 4 5.43 9.30 -32.44
CA GLN A 4 5.60 10.63 -31.88
C GLN A 4 4.36 11.19 -31.13
N GLU A 5 3.17 10.66 -31.41
CA GLU A 5 1.95 11.09 -30.72
C GLU A 5 1.88 10.46 -29.35
N VAL A 6 2.20 9.17 -29.29
CA VAL A 6 2.29 8.48 -28.03
C VAL A 6 3.40 9.07 -27.14
N ILE A 7 4.56 9.40 -27.74
CA ILE A 7 5.65 9.99 -26.99
C ILE A 7 5.32 11.39 -26.48
N LEU A 8 4.89 12.28 -27.36
CA LEU A 8 4.56 13.66 -26.97
C LEU A 8 3.54 13.71 -25.86
N LYS A 9 2.45 12.96 -26.01
CA LYS A 9 1.35 13.04 -25.05
C LYS A 9 1.69 12.38 -23.71
N VAL A 10 2.37 11.23 -23.76
CA VAL A 10 2.87 10.57 -22.54
C VAL A 10 3.87 11.51 -21.82
N GLN A 11 4.73 12.15 -22.59
CA GLN A 11 5.75 13.02 -22.02
C GLN A 11 5.15 14.23 -21.33
N GLU A 12 4.15 14.79 -21.99
CA GLU A 12 3.38 15.91 -21.44
C GLU A 12 2.64 15.56 -20.14
N CYS A 13 2.09 14.34 -20.07
CA CYS A 13 1.45 13.86 -18.85
C CYS A 13 2.45 13.54 -17.72
N ALA A 14 3.56 12.91 -18.10
CA ALA A 14 4.62 12.56 -17.15
C ALA A 14 5.28 13.80 -16.50
N ALA A 15 5.23 14.95 -17.18
CA ALA A 15 5.73 16.23 -16.63
C ALA A 15 4.87 16.73 -15.46
N TRP A 16 3.55 16.71 -15.62
CA TRP A 16 2.59 16.98 -14.54
C TRP A 16 2.89 16.12 -13.29
N TRP A 17 3.19 14.85 -13.53
CA TRP A 17 3.49 13.88 -12.47
C TRP A 17 4.84 14.13 -11.81
N ILE A 18 5.88 14.38 -12.60
CA ILE A 18 7.17 14.70 -12.04
C ILE A 18 7.02 15.93 -11.16
N LEU A 19 6.31 16.95 -11.64
CA LEU A 19 6.02 18.16 -10.89
C LEU A 19 5.36 17.82 -9.57
N GLU A 20 4.27 17.06 -9.65
CA GLU A 20 3.55 16.64 -8.49
C GLU A 20 4.47 15.91 -7.48
N ARG A 21 5.38 15.08 -7.97
CA ARG A 21 6.36 14.41 -7.10
C ARG A 21 7.39 15.36 -6.51
N GLN A 22 7.80 16.36 -7.29
CA GLN A 22 8.75 17.36 -6.83
C GLN A 22 8.18 18.23 -5.70
N SER A 23 6.86 18.48 -5.78
CA SER A 23 6.14 19.23 -4.79
C SER A 23 6.30 18.62 -3.39
N LYS A 24 6.52 17.30 -3.31
CA LYS A 24 6.63 16.60 -2.03
C LYS A 24 7.89 16.94 -1.20
N LEU A 25 8.82 17.73 -1.76
CA LEU A 25 10.12 17.95 -1.11
C LEU A 25 10.31 19.25 -0.29
N THR A 26 9.24 19.89 0.17
CA THR A 26 9.40 21.16 0.90
C THR A 26 9.31 20.99 2.41
N LYS A 27 9.73 22.03 3.14
CA LYS A 27 9.65 22.07 4.59
C LYS A 27 8.26 21.79 5.04
N LEU A 28 7.28 22.47 4.46
CA LEU A 28 5.89 22.26 4.83
C LEU A 28 5.46 20.81 4.65
N MET A 29 5.90 20.23 3.54
CA MET A 29 5.51 18.85 3.21
C MET A 29 6.08 17.82 4.21
N SER A 30 7.21 18.15 4.83
CA SER A 30 7.84 17.31 5.85
C SER A 30 6.96 17.04 7.05
N GLU A 31 6.04 17.94 7.38
CA GLU A 31 5.07 17.71 8.45
C GLU A 31 4.05 16.62 8.14
N THR A 32 3.94 16.24 6.89
CA THR A 32 3.01 15.17 6.53
C THR A 32 3.64 13.78 6.77
N MET A 33 4.96 13.71 6.57
CA MET A 33 5.77 12.52 6.90
C MET A 33 5.39 11.86 8.24
N SER A 34 4.65 10.76 8.16
CA SER A 34 4.35 9.96 9.33
C SER A 34 5.57 9.13 9.80
N ILE A 35 5.57 8.78 11.08
CA ILE A 35 6.56 7.86 11.67
C ILE A 35 5.79 7.04 12.69
N ASN A 36 5.90 5.73 12.60
CA ASN A 36 5.26 4.84 13.57
C ASN A 36 6.27 4.63 14.73
N PRO A 37 5.99 5.18 15.95
CA PRO A 37 6.97 5.24 17.03
C PRO A 37 7.24 3.88 17.71
N PHE A 38 6.35 2.94 17.49
CA PHE A 38 6.55 1.56 17.90
C PHE A 38 7.54 0.80 17.00
N MET A 39 7.57 1.16 15.72
CA MET A 39 8.34 0.41 14.71
C MET A 39 9.79 0.86 14.67
N THR A 40 10.08 2.03 15.22
CA THR A 40 11.43 2.57 15.10
C THR A 40 12.63 1.69 15.58
N PRO A 41 12.46 0.97 16.71
CA PRO A 41 13.59 0.19 17.22
C PRO A 41 13.93 -0.91 16.25
N PHE A 42 12.89 -1.50 15.65
CA PHE A 42 13.06 -2.54 14.66
C PHE A 42 13.76 -2.08 13.35
N ILE A 43 13.29 -0.96 12.78
CA ILE A 43 13.82 -0.43 11.55
C ILE A 43 15.29 -0.12 11.79
N PHE A 44 15.59 0.42 12.96
CA PHE A 44 16.97 0.75 13.35
C PHE A 44 17.95 -0.44 13.27
N ASP A 45 17.50 -1.61 13.73
CA ASP A 45 18.34 -2.81 13.77
C ASP A 45 18.29 -3.59 12.42
N TYR A 46 17.09 -3.82 11.91
CA TYR A 46 16.91 -4.52 10.66
C TYR A 46 17.74 -3.95 9.52
N HIS A 47 17.90 -2.63 9.48
CA HIS A 47 18.60 -1.97 8.39
C HIS A 47 19.96 -1.44 8.88
N SER A 48 20.34 -1.93 10.05
CA SER A 48 21.67 -1.69 10.59
C SER A 48 22.00 -0.22 10.62
N LEU A 49 21.06 0.59 11.10
CA LEU A 49 21.27 2.04 11.13
C LEU A 49 22.13 2.43 12.32
N ASN A 50 22.79 3.57 12.24
CA ASN A 50 23.75 4.03 13.26
C ASN A 50 23.32 5.21 14.17
N ASP A 51 22.35 6.02 13.72
CA ASP A 51 21.82 7.13 14.49
C ASP A 51 20.45 7.59 13.94
N PHE A 52 19.84 8.54 14.64
CA PHE A 52 18.46 8.98 14.33
C PHE A 52 18.35 9.61 12.94
N ASP A 53 19.39 10.31 12.52
CA ASP A 53 19.47 10.88 11.20
C ASP A 53 19.38 9.79 10.13
N GLU A 54 20.08 8.67 10.34
CA GLU A 54 19.99 7.51 9.46
C GLU A 54 18.63 6.89 9.48
N LEU A 55 17.95 6.91 10.61
CA LEU A 55 16.58 6.39 10.67
C LEU A 55 15.65 7.24 9.83
N VAL A 56 15.62 8.54 10.11
CA VAL A 56 14.76 9.49 9.42
C VAL A 56 14.99 9.42 7.91
N GLU A 57 16.25 9.33 7.52
CA GLU A 57 16.62 9.20 6.13
C GLU A 57 15.94 7.99 5.46
N ALA A 58 15.85 6.87 6.19
CA ALA A 58 15.30 5.64 5.67
C ALA A 58 13.81 5.65 5.55
N ILE A 59 13.16 6.31 6.49
CA ILE A 59 11.72 6.41 6.49
C ILE A 59 11.28 7.37 5.36
N ILE A 60 12.08 8.43 5.15
CA ILE A 60 11.80 9.44 4.13
C ILE A 60 11.84 8.71 2.78
N ALA A 61 12.97 8.08 2.52
CA ALA A 61 13.18 7.23 1.35
C ALA A 61 11.95 6.35 1.03
N LYS A 62 11.43 5.66 2.03
CA LYS A 62 10.24 4.83 1.86
C LYS A 62 8.99 5.65 1.58
N HIS A 63 8.89 6.81 2.20
CA HIS A 63 7.75 7.71 2.06
C HIS A 63 7.63 8.23 0.62
N LEU A 64 8.74 8.77 0.13
CA LEU A 64 8.85 9.24 -1.21
C LEU A 64 8.60 8.08 -2.23
N MET A 65 9.38 7.00 -2.06
CA MET A 65 9.42 5.85 -2.95
C MET A 65 8.05 5.22 -3.13
N THR A 66 7.30 5.10 -2.06
CA THR A 66 5.91 4.62 -2.14
C THR A 66 4.92 5.65 -2.73
N GLY A 67 5.20 6.93 -2.49
CA GLY A 67 4.50 8.03 -3.13
C GLY A 67 4.63 7.98 -4.65
N HIS A 68 5.82 7.67 -5.14
CA HIS A 68 6.06 7.55 -6.59
C HIS A 68 5.11 6.49 -7.20
N ASP A 69 5.08 5.32 -6.58
CA ASP A 69 4.23 4.19 -7.01
C ASP A 69 2.82 4.61 -7.03
N THR A 70 2.33 5.14 -5.92
CA THR A 70 0.93 5.60 -5.86
C THR A 70 0.60 6.64 -6.92
N GLY A 71 1.50 7.57 -7.12
CA GLY A 71 1.32 8.63 -8.11
C GLY A 71 1.43 8.13 -9.56
N PHE A 72 2.33 7.17 -9.79
CA PHE A 72 2.43 6.56 -11.13
C PHE A 72 1.11 5.84 -11.45
N GLY A 73 0.65 5.05 -10.47
CA GLY A 73 -0.62 4.35 -10.56
C GLY A 73 -1.71 5.23 -11.06
N LYS A 74 -1.87 6.39 -10.41
CA LYS A 74 -2.83 7.41 -10.84
C LYS A 74 -2.53 8.02 -12.23
N LEU A 75 -1.27 8.28 -12.51
CA LEU A 75 -0.85 8.78 -13.79
C LEU A 75 -1.43 7.87 -14.89
N ILE A 76 -1.13 6.58 -14.80
CA ILE A 76 -1.57 5.63 -15.79
C ILE A 76 -3.10 5.57 -15.84
N ASP A 77 -3.69 5.39 -14.68
CA ASP A 77 -5.13 5.17 -14.54
C ASP A 77 -5.99 6.35 -14.97
N GLU A 78 -5.61 7.57 -14.58
CA GLU A 78 -6.43 8.76 -14.86
C GLU A 78 -6.00 9.63 -16.06
N LYS A 79 -4.71 9.61 -16.39
CA LYS A 79 -4.16 10.50 -17.40
C LYS A 79 -3.73 9.77 -18.69
N ILE A 80 -2.78 8.85 -18.60
CA ILE A 80 -2.19 8.20 -19.78
C ILE A 80 -3.24 7.41 -20.57
N LEU A 81 -3.90 6.46 -19.90
CA LEU A 81 -4.91 5.66 -20.57
C LEU A 81 -6.01 6.50 -21.24
N PRO A 82 -6.76 7.30 -20.47
CA PRO A 82 -7.75 8.21 -21.09
C PRO A 82 -7.18 9.19 -22.14
N ARG A 83 -6.24 10.02 -21.76
CA ARG A 83 -5.84 11.14 -22.62
C ARG A 83 -4.92 10.75 -23.75
N VAL A 84 -4.16 9.67 -23.59
CA VAL A 84 -3.32 9.21 -24.71
C VAL A 84 -4.11 8.25 -25.58
N PHE A 85 -4.64 7.18 -25.00
CA PHE A 85 -5.14 6.06 -25.77
C PHE A 85 -6.65 5.94 -25.76
N GLY A 86 -7.34 6.89 -25.13
CA GLY A 86 -8.81 6.99 -25.21
C GLY A 86 -9.58 5.97 -24.39
N ALA A 87 -8.88 5.27 -23.49
CA ALA A 87 -9.53 4.34 -22.57
C ALA A 87 -9.97 5.10 -21.32
N TYR A 88 -11.22 5.54 -21.31
CA TYR A 88 -11.71 6.41 -20.24
C TYR A 88 -11.99 5.68 -18.92
N LYS A 89 -11.66 6.36 -17.82
CA LYS A 89 -11.83 5.80 -16.50
C LYS A 89 -13.29 5.84 -16.12
N LEU A 90 -13.78 4.74 -15.56
CA LEU A 90 -15.12 4.69 -14.99
C LEU A 90 -15.07 5.40 -13.64
N ASP A 91 -15.08 6.74 -13.70
CA ASP A 91 -15.02 7.59 -12.51
C ASP A 91 -16.44 7.92 -12.05
N LYS A 92 -17.23 8.51 -12.95
CA LYS A 92 -18.60 8.95 -12.65
C LYS A 92 -19.21 9.61 -13.89
N PHE A 101 -24.24 4.76 -18.62
CA PHE A 101 -24.97 3.50 -18.68
C PHE A 101 -24.67 2.53 -17.52
N ILE A 102 -23.64 2.82 -16.73
CA ILE A 102 -23.10 1.85 -15.74
C ILE A 102 -23.46 2.21 -14.29
N HIS A 103 -23.15 1.29 -13.38
CA HIS A 103 -23.46 1.40 -11.94
C HIS A 103 -23.43 0.04 -11.22
N PRO A 104 -24.11 -1.01 -11.77
CA PRO A 104 -24.25 -2.32 -11.10
C PRO A 104 -22.96 -3.04 -10.60
N CYS A 105 -22.65 -4.22 -11.14
CA CYS A 105 -21.50 -5.01 -10.66
C CYS A 105 -20.28 -4.89 -11.59
N PHE A 106 -19.86 -3.65 -11.81
CA PHE A 106 -18.68 -3.35 -12.62
C PHE A 106 -17.57 -2.81 -11.74
N ASP A 107 -17.50 -3.33 -10.52
CA ASP A 107 -16.52 -2.84 -9.54
C ASP A 107 -15.09 -3.19 -10.02
N GLU A 108 -14.91 -4.42 -10.50
CA GLU A 108 -13.62 -4.91 -10.94
C GLU A 108 -13.15 -4.31 -12.28
N ILE A 109 -14.08 -3.85 -13.12
CA ILE A 109 -13.68 -3.23 -14.38
C ILE A 109 -13.39 -1.73 -14.16
N ASP A 110 -12.29 -1.26 -14.75
CA ASP A 110 -11.74 0.09 -14.46
C ASP A 110 -11.89 1.10 -15.59
N HIS A 111 -11.84 0.64 -16.86
CA HIS A 111 -11.90 1.56 -18.03
C HIS A 111 -12.79 1.02 -19.13
N VAL A 112 -13.21 1.94 -20.00
CA VAL A 112 -13.99 1.65 -21.20
C VAL A 112 -13.34 2.28 -22.40
N ILE A 113 -13.28 1.55 -23.53
CA ILE A 113 -12.74 2.08 -24.80
C ILE A 113 -13.73 1.85 -25.96
N GLN A 114 -13.74 2.79 -26.90
CA GLN A 114 -14.61 2.73 -28.09
C GLN A 114 -13.74 2.85 -29.35
N ARG A 115 -13.45 1.70 -29.96
CA ARG A 115 -12.57 1.62 -31.12
C ARG A 115 -13.14 2.33 -32.37
N ASP A 116 -12.25 2.67 -33.30
CA ASP A 116 -12.62 3.45 -34.51
C ASP A 116 -13.91 2.98 -35.22
N ASP A 117 -14.17 1.67 -35.24
CA ASP A 117 -15.45 1.17 -35.73
C ASP A 117 -16.58 1.43 -34.70
N GLY A 118 -16.55 0.69 -33.59
CA GLY A 118 -17.65 0.74 -32.62
C GLY A 118 -17.65 -0.34 -31.57
N ARG A 119 -16.61 -1.18 -31.53
CA ARG A 119 -16.47 -2.19 -30.47
C ARG A 119 -16.23 -1.51 -29.11
N ILE A 120 -16.87 -2.06 -28.08
CA ILE A 120 -16.72 -1.55 -26.73
C ILE A 120 -15.96 -2.59 -25.91
N GLU A 121 -14.72 -2.24 -25.53
CA GLU A 121 -13.93 -3.13 -24.68
C GLU A 121 -13.98 -2.63 -23.23
N LEU A 122 -13.98 -3.58 -22.29
CA LEU A 122 -14.05 -3.29 -20.87
C LEU A 122 -12.76 -3.73 -20.22
N LEU A 123 -12.09 -2.82 -19.52
CA LEU A 123 -10.76 -3.07 -19.01
C LEU A 123 -10.68 -3.13 -17.48
N SER A 124 -10.18 -4.24 -16.95
CA SER A 124 -9.75 -4.31 -15.57
C SER A 124 -8.20 -4.21 -15.51
N LEU A 125 -7.72 -3.04 -15.08
CA LEU A 125 -6.29 -2.72 -15.10
C LEU A 125 -5.57 -3.28 -13.87
N LYS A 126 -4.46 -3.97 -14.11
CA LYS A 126 -3.64 -4.57 -13.05
C LYS A 126 -2.21 -4.09 -13.16
N ALA A 127 -1.49 -4.19 -12.06
CA ALA A 127 -0.18 -3.58 -11.94
C ALA A 127 0.94 -4.60 -12.04
N GLY A 128 1.23 -5.33 -10.97
CA GLY A 128 2.39 -6.22 -10.96
C GLY A 128 2.19 -7.47 -11.79
N LYS A 129 3.00 -8.49 -11.53
CA LYS A 129 2.84 -9.79 -12.22
C LYS A 129 1.36 -10.21 -12.28
N TRP A 130 0.72 -10.17 -11.13
CA TRP A 130 -0.72 -10.51 -10.98
C TRP A 130 -0.95 -12.00 -11.06
N THR A 131 -0.39 -12.71 -10.09
CA THR A 131 -0.74 -14.10 -9.84
C THR A 131 -2.07 -14.05 -9.06
N ILE A 132 -3.02 -14.85 -9.50
CA ILE A 132 -4.30 -14.99 -8.81
C ILE A 132 -4.49 -16.45 -8.44
N GLN A 133 -5.00 -16.68 -7.24
CA GLN A 133 -5.27 -18.06 -6.79
C GLN A 133 -6.43 -18.65 -7.61
N LEU A 134 -6.43 -19.97 -7.72
CA LEU A 134 -7.44 -20.72 -8.47
C LEU A 134 -8.87 -20.30 -8.12
N THR A 135 -9.10 -19.92 -6.87
CA THR A 135 -10.43 -19.55 -6.38
C THR A 135 -10.89 -18.16 -6.87
N MET A 136 -9.94 -17.22 -6.88
CA MET A 136 -10.19 -15.85 -7.37
C MET A 136 -10.44 -15.85 -8.89
N ALA A 137 -9.73 -16.73 -9.59
CA ALA A 137 -9.93 -16.94 -11.03
C ALA A 137 -11.34 -17.46 -11.34
N VAL A 138 -11.78 -18.42 -10.52
CA VAL A 138 -13.15 -18.94 -10.60
C VAL A 138 -14.18 -17.85 -10.29
N GLN A 139 -13.94 -17.09 -9.23
CA GLN A 139 -14.85 -16.03 -8.80
C GLN A 139 -14.95 -14.90 -9.82
N LEU A 140 -13.82 -14.51 -10.40
CA LEU A 140 -13.80 -13.43 -11.40
C LEU A 140 -14.52 -13.86 -12.68
N ASN A 141 -14.35 -15.11 -13.06
CA ASN A 141 -15.06 -15.68 -14.20
C ASN A 141 -16.59 -15.62 -14.06
N LYS A 142 -17.07 -15.78 -12.83
CA LYS A 142 -18.49 -15.64 -12.51
C LYS A 142 -18.93 -14.20 -12.70
N ALA A 143 -18.09 -13.26 -12.26
CA ALA A 143 -18.37 -11.83 -12.41
C ALA A 143 -18.39 -11.41 -13.87
N PHE A 144 -17.43 -11.88 -14.65
CA PHE A 144 -17.35 -11.55 -16.07
C PHE A 144 -18.47 -12.19 -16.88
N HIS A 145 -18.76 -13.45 -16.56
CA HIS A 145 -19.87 -14.18 -17.19
C HIS A 145 -21.19 -13.44 -16.94
N GLU A 146 -21.39 -13.01 -15.69
CA GLU A 146 -22.62 -12.29 -15.30
C GLU A 146 -22.73 -10.87 -15.89
N ILE A 147 -21.60 -10.27 -16.26
CA ILE A 147 -21.60 -8.95 -16.93
C ILE A 147 -22.00 -9.12 -18.40
N ILE A 148 -21.25 -9.95 -19.12
CA ILE A 148 -21.48 -10.13 -20.55
C ILE A 148 -22.83 -10.81 -20.81
N ASN A 149 -23.25 -11.69 -19.88
CA ASN A 149 -24.60 -12.30 -19.94
C ASN A 149 -25.63 -11.29 -20.44
N ASN A 150 -25.71 -10.16 -19.72
CA ASN A 150 -26.59 -9.03 -20.07
C ASN A 150 -25.80 -7.93 -20.79
N TYR A 151 -26.49 -6.82 -21.05
CA TYR A 151 -25.96 -5.70 -21.84
C TYR A 151 -24.84 -6.08 -22.87
N PRO A 152 -25.19 -6.84 -23.92
CA PRO A 152 -24.19 -7.01 -24.99
C PRO A 152 -24.15 -5.79 -25.94
N GLY A 153 -24.53 -4.60 -25.43
CA GLY A 153 -24.57 -3.38 -26.24
C GLY A 153 -23.25 -2.63 -26.12
N VAL A 154 -22.76 -2.52 -24.89
CA VAL A 154 -21.47 -1.86 -24.63
C VAL A 154 -20.55 -2.81 -23.83
N ALA A 155 -20.43 -4.03 -24.33
CA ALA A 155 -19.50 -5.01 -23.78
C ALA A 155 -19.16 -6.07 -24.81
N ASP A 156 -18.57 -5.64 -25.92
CA ASP A 156 -18.12 -6.58 -26.96
C ASP A 156 -17.06 -7.53 -26.45
N ASN A 157 -16.21 -7.04 -25.54
CA ASN A 157 -15.06 -7.79 -25.06
C ASN A 157 -14.58 -7.24 -23.71
N ILE A 158 -14.26 -8.14 -22.79
CA ILE A 158 -13.65 -7.75 -21.52
C ILE A 158 -12.19 -8.14 -21.60
N VAL A 159 -11.33 -7.34 -20.97
CA VAL A 159 -9.90 -7.60 -20.92
C VAL A 159 -9.35 -7.31 -19.51
N VAL A 160 -8.55 -8.23 -19.00
CA VAL A 160 -7.68 -7.92 -17.88
C VAL A 160 -6.31 -7.50 -18.45
N GLY A 161 -6.06 -6.20 -18.40
CA GLY A 161 -4.82 -5.58 -18.90
C GLY A 161 -3.82 -5.40 -17.77
N VAL A 162 -2.73 -6.16 -17.84
CA VAL A 162 -1.66 -6.07 -16.86
C VAL A 162 -0.56 -5.19 -17.46
N PHE A 163 -0.51 -3.92 -17.08
CA PHE A 163 0.33 -2.96 -17.78
C PHE A 163 1.83 -3.13 -17.53
N TYR A 164 2.23 -3.94 -16.56
CA TYR A 164 3.63 -4.40 -16.52
C TYR A 164 3.75 -5.79 -15.90
N GLY A 165 4.81 -6.49 -16.26
CA GLY A 165 4.96 -7.91 -15.93
C GLY A 165 4.48 -8.79 -17.10
N ASN A 166 4.93 -10.05 -17.06
CA ASN A 166 4.55 -11.06 -18.06
C ASN A 166 3.61 -12.11 -17.45
N SER A 167 3.18 -13.04 -18.28
CA SER A 167 2.25 -14.08 -17.86
C SER A 167 2.94 -15.46 -17.76
N HIS A 168 4.26 -15.47 -17.78
CA HIS A 168 5.04 -16.70 -17.62
C HIS A 168 4.64 -17.38 -16.33
N GLY A 169 4.36 -18.68 -16.40
CA GLY A 169 3.95 -19.47 -15.24
C GLY A 169 2.45 -19.37 -14.99
N LEU A 170 2.00 -18.20 -14.51
CA LEU A 170 0.60 -18.04 -14.05
C LEU A 170 -0.43 -17.89 -15.19
N THR A 171 -0.32 -18.74 -16.21
CA THR A 171 -1.22 -18.66 -17.38
C THR A 171 -2.27 -19.79 -17.41
N ASP A 172 -2.03 -20.85 -16.65
CA ASP A 172 -3.03 -21.91 -16.45
C ASP A 172 -4.25 -21.34 -15.74
N LYS A 173 -4.01 -20.42 -14.81
CA LYS A 173 -5.08 -19.76 -14.06
C LYS A 173 -5.85 -18.77 -14.92
N TYR A 174 -5.17 -18.19 -15.92
CA TYR A 174 -5.82 -17.24 -16.83
C TYR A 174 -6.79 -17.95 -17.77
N ARG A 175 -6.36 -19.11 -18.25
CA ARG A 175 -7.19 -19.95 -19.12
C ARG A 175 -8.50 -20.37 -18.44
N ILE A 176 -8.45 -20.62 -17.13
CA ILE A 176 -9.64 -21.00 -16.35
C ILE A 176 -10.58 -19.78 -16.18
N LEU A 177 -10.02 -18.63 -15.84
CA LEU A 177 -10.80 -17.39 -15.79
C LEU A 177 -11.56 -17.11 -17.09
N ARG A 178 -11.01 -17.61 -18.19
CA ARG A 178 -11.62 -17.51 -19.51
C ARG A 178 -12.57 -18.70 -19.83
N GLY A 179 -12.24 -19.87 -19.28
CA GLY A 179 -12.97 -21.12 -19.55
C GLY A 179 -12.04 -22.20 -20.08
N ILE A 180 -11.86 -23.28 -19.31
CA ILE A 180 -11.03 -24.41 -19.71
C ILE A 180 -11.33 -25.65 -18.86
N ASN A 181 -12.62 -25.97 -18.71
CA ASN A 181 -13.06 -27.01 -17.78
C ASN A 181 -12.63 -28.42 -18.22
N THR A 182 -11.60 -28.93 -17.53
CA THR A 182 -11.08 -30.27 -17.79
C THR A 182 -11.93 -31.32 -17.04
N GLY A 183 -11.29 -32.37 -16.54
CA GLY A 183 -11.93 -33.35 -15.63
C GLY A 183 -12.15 -32.77 -14.25
N ALA A 184 -11.36 -31.75 -13.90
CA ALA A 184 -11.55 -30.98 -12.66
C ALA A 184 -12.85 -30.18 -12.70
N ASN A 185 -13.38 -29.97 -13.90
CA ASN A 185 -14.71 -29.38 -14.12
C ASN A 185 -14.92 -28.17 -13.22
N HIS A 186 -13.95 -27.25 -13.25
CA HIS A 186 -13.98 -26.03 -12.43
C HIS A 186 -15.29 -25.30 -12.67
N ASN A 187 -15.81 -24.65 -11.63
CA ASN A 187 -17.10 -23.95 -11.71
C ASN A 187 -17.06 -22.72 -12.61
N VAL A 188 -16.85 -22.95 -13.91
CA VAL A 188 -16.61 -21.86 -14.88
C VAL A 188 -17.36 -22.07 -16.20
N ILE A 189 -17.75 -20.95 -16.81
CA ILE A 189 -18.45 -20.89 -18.10
C ILE A 189 -17.46 -20.47 -19.19
N ASP A 190 -17.62 -21.04 -20.39
CA ASP A 190 -16.76 -20.72 -21.52
C ASP A 190 -17.09 -19.34 -22.09
N ILE A 191 -16.33 -18.35 -21.65
CA ILE A 191 -16.37 -16.99 -22.20
C ILE A 191 -15.08 -16.71 -22.95
N ARG A 192 -14.34 -17.78 -23.25
CA ARG A 192 -13.05 -17.71 -23.94
C ARG A 192 -12.96 -16.67 -25.07
N ASP A 193 -14.04 -16.50 -25.82
CA ASP A 193 -14.02 -15.65 -27.02
C ASP A 193 -14.12 -14.19 -26.69
N LYS A 194 -14.77 -13.85 -25.57
CA LYS A 194 -15.03 -12.44 -25.24
C LYS A 194 -14.20 -11.86 -24.08
N VAL A 195 -13.36 -12.69 -23.46
CA VAL A 195 -12.61 -12.32 -22.25
C VAL A 195 -11.15 -12.75 -22.38
N HIS A 196 -10.22 -11.80 -22.17
CA HIS A 196 -8.78 -12.06 -22.36
C HIS A 196 -7.87 -11.33 -21.36
N VAL A 197 -6.79 -12.01 -20.96
CA VAL A 197 -5.71 -11.38 -20.20
C VAL A 197 -4.49 -11.05 -21.09
N TYR A 198 -4.28 -9.77 -21.37
CA TYR A 198 -3.07 -9.31 -22.04
C TYR A 198 -2.16 -8.61 -21.04
N ALA A 199 -0.94 -9.09 -20.88
CA ALA A 199 0.03 -8.51 -19.97
C ALA A 199 1.25 -7.96 -20.70
N GLY A 200 1.89 -6.98 -20.09
CA GLY A 200 3.16 -6.43 -20.59
C GLY A 200 3.03 -5.84 -21.98
N LYS A 201 3.85 -6.33 -22.89
CA LYS A 201 3.87 -5.86 -24.28
C LYS A 201 2.50 -5.99 -24.97
N GLU A 202 1.80 -7.08 -24.67
CA GLU A 202 0.49 -7.35 -25.26
C GLU A 202 -0.59 -6.37 -24.80
N PHE A 203 -0.61 -6.04 -23.51
CA PHE A 203 -1.50 -4.98 -23.00
C PHE A 203 -1.34 -3.71 -23.80
N TRP A 204 -0.11 -3.25 -23.94
CA TRP A 204 0.12 -1.95 -24.59
C TRP A 204 -0.14 -2.01 -26.09
N SER A 205 0.18 -3.16 -26.70
CA SER A 205 -0.25 -3.47 -28.09
C SER A 205 -1.78 -3.49 -28.22
N TRP A 206 -2.43 -4.32 -27.42
CA TRP A 206 -3.85 -4.37 -27.40
C TRP A 206 -4.41 -2.96 -27.24
N LEU A 207 -3.93 -2.23 -26.22
CA LEU A 207 -4.44 -0.89 -25.92
C LEU A 207 -4.25 0.07 -27.09
N ASN A 208 -3.14 -0.06 -27.80
CA ASN A 208 -2.85 0.83 -28.93
C ASN A 208 -3.14 0.19 -30.31
N ASN A 209 -4.17 -0.66 -30.38
CA ASN A 209 -4.68 -1.24 -31.63
C ASN A 209 -3.64 -1.90 -32.53
N GLY A 210 -2.95 -2.88 -31.95
CA GLY A 210 -1.97 -3.66 -32.67
C GLY A 210 -0.54 -3.19 -32.58
N GLU A 211 -0.31 -1.89 -32.45
CA GLU A 211 1.07 -1.37 -32.39
C GLU A 211 1.92 -2.02 -31.31
N ALA A 212 2.74 -2.99 -31.73
CA ALA A 212 3.62 -3.76 -30.82
C ALA A 212 4.59 -2.93 -30.01
N GLU A 213 5.08 -1.83 -30.57
CA GLU A 213 6.18 -1.06 -29.90
C GLU A 213 5.66 -0.01 -28.92
N THR A 214 4.38 -0.08 -28.60
CA THR A 214 3.72 0.91 -27.79
C THR A 214 4.38 1.10 -26.43
N GLN A 215 4.71 0.01 -25.72
CA GLN A 215 5.38 0.06 -24.43
C GLN A 215 6.68 0.90 -24.45
N HIS A 216 7.44 0.76 -25.53
CA HIS A 216 8.70 1.50 -25.69
C HIS A 216 8.44 2.95 -25.93
N TRP A 217 7.38 3.27 -26.65
CA TRP A 217 6.95 4.66 -26.86
C TRP A 217 6.49 5.38 -25.57
N VAL A 218 5.75 4.67 -24.74
CA VAL A 218 5.35 5.09 -23.42
C VAL A 218 6.58 5.32 -22.55
N LEU A 219 7.47 4.34 -22.50
CA LEU A 219 8.68 4.52 -21.74
C LEU A 219 9.49 5.74 -22.21
N GLU A 220 9.66 5.89 -23.52
CA GLU A 220 10.45 7.00 -24.08
C GLU A 220 9.85 8.35 -23.70
N GLY A 221 8.53 8.47 -23.74
CA GLY A 221 7.88 9.68 -23.26
C GLY A 221 8.26 10.00 -21.83
N ILE A 222 8.32 8.98 -20.98
CA ILE A 222 8.69 9.10 -19.57
C ILE A 222 10.17 9.50 -19.45
N GLU A 223 11.06 8.79 -20.14
CA GLU A 223 12.48 9.20 -20.13
C GLU A 223 12.70 10.67 -20.55
N ARG A 224 11.93 11.17 -21.51
CA ARG A 224 12.20 12.52 -22.01
C ARG A 224 11.67 13.55 -21.01
N ALA A 225 10.48 13.28 -20.45
CA ALA A 225 9.89 14.13 -19.41
C ALA A 225 10.82 14.29 -18.23
N VAL A 226 11.47 13.18 -17.86
CA VAL A 226 12.46 13.13 -16.79
C VAL A 226 13.72 13.90 -17.15
N LYS A 227 14.18 13.73 -18.38
CA LYS A 227 15.37 14.45 -18.85
C LYS A 227 15.16 16.00 -18.83
N GLU A 228 14.03 16.45 -19.31
CA GLU A 228 13.75 17.88 -19.39
C GLU A 228 13.40 18.49 -18.02
N ALA A 229 12.99 17.67 -17.08
CA ALA A 229 12.78 18.12 -15.71
C ALA A 229 14.10 18.40 -14.98
N ASP A 230 15.18 17.71 -15.38
CA ASP A 230 16.54 17.93 -14.87
C ASP A 230 16.59 18.01 -13.34
N ILE A 231 16.21 16.90 -12.71
CA ILE A 231 16.05 16.83 -11.26
C ILE A 231 17.18 16.10 -10.56
N LYS A 232 18.15 15.60 -11.32
CA LYS A 232 19.13 14.65 -10.77
C LYS A 232 20.13 15.24 -9.78
N GLU A 233 20.53 16.50 -10.00
CA GLU A 233 21.50 17.19 -9.08
C GLU A 233 20.80 17.96 -8.00
N LYS A 234 19.73 18.66 -8.34
CA LYS A 234 18.99 19.47 -7.39
C LYS A 234 18.24 18.69 -6.31
N ASN A 235 17.99 17.41 -6.55
CA ASN A 235 17.21 16.58 -5.62
C ASN A 235 18.05 16.04 -4.42
N LYS A 236 19.30 15.68 -4.68
CA LYS A 236 20.18 15.17 -3.64
C LYS A 236 20.15 16.09 -2.44
N ASP A 237 20.40 17.37 -2.71
CA ASP A 237 20.36 18.43 -1.70
C ASP A 237 18.98 18.63 -1.13
N LEU A 238 17.96 18.61 -1.96
CA LEU A 238 16.60 18.76 -1.47
C LEU A 238 16.19 17.65 -0.50
N ILE A 239 16.52 16.41 -0.83
CA ILE A 239 16.12 15.27 0.02
C ILE A 239 16.93 15.26 1.34
N GLU A 240 18.18 15.72 1.26
CA GLU A 240 19.02 15.93 2.43
C GLU A 240 18.44 16.97 3.34
N LYS A 241 18.06 18.13 2.77
CA LYS A 241 17.33 19.18 3.49
C LYS A 241 16.07 18.64 4.08
N PHE A 242 15.34 17.87 3.29
CA PHE A 242 14.08 17.26 3.76
C PHE A 242 14.26 16.47 5.08
N LYS A 243 15.35 15.72 5.17
CA LYS A 243 15.69 14.95 6.35
C LYS A 243 15.92 15.85 7.55
N GLU A 244 16.77 16.87 7.36
CA GLU A 244 17.00 17.90 8.39
C GLU A 244 15.69 18.52 8.88
N HIS A 245 14.89 19.04 7.95
CA HIS A 245 13.57 19.59 8.31
C HIS A 245 12.82 18.66 9.25
N VAL A 246 12.69 17.40 8.84
CA VAL A 246 11.94 16.39 9.60
C VAL A 246 12.60 16.08 10.94
N ALA A 247 13.93 16.03 10.95
CA ALA A 247 14.68 15.64 12.14
C ALA A 247 14.66 16.73 13.19
N LYS A 248 14.77 17.99 12.74
CA LYS A 248 14.66 19.18 13.62
C LYS A 248 13.41 19.12 14.51
N LYS A 249 12.28 18.69 13.97
CA LYS A 249 11.07 18.51 14.76
C LYS A 249 11.26 17.68 16.04
N TYR A 250 12.14 16.69 15.98
CA TYR A 250 12.32 15.73 17.09
C TYR A 250 13.69 15.85 17.81
N ASN A 251 14.69 16.39 17.13
CA ASN A 251 16.07 16.38 17.62
C ASN A 251 16.29 16.72 19.12
N GLU A 252 15.92 17.94 19.52
CA GLU A 252 16.02 18.40 20.92
C GLU A 252 15.49 17.36 21.90
N GLN A 253 14.24 16.94 21.73
CA GLN A 253 13.59 16.06 22.70
C GLN A 253 14.07 14.59 22.70
N VAL A 254 14.70 14.14 21.63
CA VAL A 254 15.03 12.70 21.55
C VAL A 254 16.53 12.40 21.44
N LEU A 255 17.34 13.33 21.00
CA LEU A 255 18.76 13.04 20.74
C LEU A 255 19.62 12.78 21.98
N ASN A 256 20.30 11.64 21.94
CA ASN A 256 21.45 11.39 22.83
C ASN A 256 22.67 12.05 22.24
N ALA A 257 23.71 12.19 23.05
CA ALA A 257 24.97 12.85 22.63
C ALA A 257 25.70 12.11 21.52
N ASP A 258 25.48 10.81 21.42
CA ASP A 258 26.13 10.00 20.39
C ASP A 258 25.37 10.05 19.08
N GLY A 259 24.19 10.67 19.06
CA GLY A 259 23.37 10.83 17.85
C GLY A 259 22.11 9.95 17.80
N THR A 260 22.07 8.96 18.67
CA THR A 260 20.91 8.07 18.75
C THR A 260 19.73 8.79 19.40
N ALA A 261 18.59 8.10 19.42
CA ALA A 261 17.33 8.66 19.87
C ALA A 261 16.71 7.86 20.99
N GLN A 262 16.09 8.56 21.92
CA GLN A 262 15.36 7.94 23.00
C GLN A 262 13.95 7.63 22.48
N TRP A 263 13.72 6.37 22.12
CA TRP A 263 12.48 5.95 21.46
C TRP A 263 11.21 6.27 22.21
N HIS A 264 11.30 6.25 23.53
CA HIS A 264 10.15 6.46 24.38
C HIS A 264 9.76 7.90 24.40
N LYS A 265 10.73 8.80 24.25
CA LYS A 265 10.48 10.24 24.08
C LYS A 265 9.90 10.58 22.72
N LEU A 266 10.31 9.83 21.68
CA LEU A 266 9.68 9.90 20.38
C LEU A 266 8.24 9.38 20.41
N LEU A 267 8.03 8.26 21.09
CA LEU A 267 6.68 7.71 21.22
C LEU A 267 5.74 8.76 21.82
N GLU A 268 6.09 9.24 23.01
CA GLU A 268 5.24 10.15 23.79
C GLU A 268 4.86 11.40 23.02
N MET A 269 5.89 11.97 22.41
CA MET A 269 5.82 13.14 21.56
C MET A 269 4.94 12.99 20.30
N ILE A 270 4.93 11.80 19.69
CA ILE A 270 4.11 11.56 18.50
C ILE A 270 2.68 11.28 18.93
N ASN A 271 2.54 10.55 20.04
CA ASN A 271 1.23 10.05 20.44
C ASN A 271 0.46 10.98 21.40
N GLU A 272 1.03 12.17 21.64
CA GLU A 272 0.53 13.10 22.67
C GLU A 272 -0.48 14.03 22.05
N MET B 1 -3.46 -4.43 31.04
CA MET B 1 -3.28 -5.35 32.18
C MET B 1 -2.04 -4.89 32.92
N ASN B 2 -1.39 -5.78 33.67
CA ASN B 2 -0.14 -5.41 34.34
C ASN B 2 0.94 -5.00 33.32
N LYS B 3 1.84 -4.13 33.74
CA LYS B 3 2.98 -3.73 32.93
C LYS B 3 3.67 -4.96 32.36
N GLN B 4 3.96 -5.93 33.21
CA GLN B 4 4.74 -7.11 32.81
C GLN B 4 3.97 -8.06 31.89
N GLU B 5 2.66 -8.19 32.12
CA GLU B 5 1.83 -9.08 31.31
C GLU B 5 1.68 -8.56 29.89
N VAL B 6 1.63 -7.24 29.75
CA VAL B 6 1.58 -6.58 28.47
C VAL B 6 2.93 -6.71 27.78
N ILE B 7 3.99 -6.26 28.46
CA ILE B 7 5.35 -6.27 27.91
C ILE B 7 5.75 -7.64 27.37
N LEU B 8 5.49 -8.70 28.12
CA LEU B 8 5.95 -10.03 27.75
C LEU B 8 5.11 -10.62 26.62
N LYS B 9 3.82 -10.37 26.63
CA LYS B 9 2.94 -10.90 25.60
C LYS B 9 3.17 -10.19 24.25
N VAL B 10 3.31 -8.87 24.27
CA VAL B 10 3.74 -8.08 23.12
C VAL B 10 5.07 -8.60 22.57
N GLN B 11 6.10 -8.62 23.43
CA GLN B 11 7.42 -9.15 23.08
C GLN B 11 7.36 -10.54 22.42
N GLU B 12 6.47 -11.38 22.93
CA GLU B 12 6.19 -12.70 22.36
C GLU B 12 5.71 -12.59 20.90
N CYS B 13 4.69 -11.76 20.70
CA CYS B 13 4.12 -11.53 19.37
C CYS B 13 5.08 -10.81 18.38
N ALA B 14 5.78 -9.80 18.86
CA ALA B 14 6.75 -9.05 18.06
C ALA B 14 8.04 -9.85 17.72
N ALA B 15 8.41 -10.80 18.58
CA ALA B 15 9.56 -11.69 18.30
C ALA B 15 9.27 -12.52 17.07
N TRP B 16 8.07 -13.09 17.05
CA TRP B 16 7.61 -13.84 15.93
C TRP B 16 7.68 -13.00 14.68
N TRP B 17 7.03 -11.84 14.73
CA TRP B 17 6.88 -10.93 13.58
C TRP B 17 8.27 -10.60 13.01
N ILE B 18 9.25 -10.47 13.89
CA ILE B 18 10.60 -10.15 13.50
C ILE B 18 11.24 -11.29 12.70
N LEU B 19 10.80 -12.50 12.97
CA LEU B 19 11.30 -13.64 12.27
C LEU B 19 10.78 -13.65 10.87
N GLU B 20 9.50 -13.36 10.69
CA GLU B 20 8.94 -13.25 9.36
C GLU B 20 9.62 -12.14 8.51
N ARG B 21 10.01 -11.05 9.14
CA ARG B 21 10.66 -9.98 8.43
C ARG B 21 12.02 -10.46 7.95
N GLN B 22 12.67 -11.25 8.80
CA GLN B 22 13.97 -11.84 8.49
C GLN B 22 13.84 -12.90 7.37
N SER B 23 12.66 -13.47 7.24
CA SER B 23 12.41 -14.54 6.32
C SER B 23 12.19 -14.07 4.88
N LYS B 24 12.09 -12.77 4.69
CA LYS B 24 11.84 -12.21 3.34
C LYS B 24 13.14 -11.99 2.58
N LEU B 25 14.27 -12.35 3.20
CA LEU B 25 15.61 -12.10 2.63
C LEU B 25 16.26 -13.31 1.88
N THR B 26 15.47 -14.36 1.65
CA THR B 26 15.99 -15.56 0.99
C THR B 26 16.03 -15.44 -0.55
N LYS B 27 16.86 -16.27 -1.14
CA LYS B 27 16.94 -16.37 -2.58
C LYS B 27 15.58 -16.58 -3.21
N LEU B 28 14.79 -17.49 -2.68
CA LEU B 28 13.45 -17.76 -3.21
C LEU B 28 12.52 -16.54 -3.14
N MET B 29 12.66 -15.78 -2.04
CA MET B 29 11.84 -14.57 -1.84
C MET B 29 12.14 -13.49 -2.88
N SER B 30 13.42 -13.38 -3.25
CA SER B 30 13.91 -12.37 -4.20
C SER B 30 13.18 -12.43 -5.52
N GLU B 31 12.77 -13.65 -5.91
CA GLU B 31 11.98 -13.87 -7.10
C GLU B 31 10.65 -13.14 -7.12
N THR B 32 10.13 -12.74 -5.95
CA THR B 32 8.81 -12.09 -5.84
C THR B 32 8.90 -10.55 -5.94
N MET B 33 10.11 -10.01 -5.88
CA MET B 33 10.24 -8.57 -5.91
C MET B 33 9.94 -7.98 -7.31
N SER B 34 9.20 -6.88 -7.33
CA SER B 34 8.65 -6.35 -8.55
C SER B 34 9.39 -5.04 -8.90
N ILE B 35 9.68 -4.88 -10.18
CA ILE B 35 10.24 -3.66 -10.71
C ILE B 35 9.25 -3.20 -11.78
N ASN B 36 8.82 -1.95 -11.67
CA ASN B 36 8.01 -1.34 -12.70
C ASN B 36 8.99 -0.71 -13.70
N PRO B 37 9.11 -1.30 -14.91
CA PRO B 37 10.13 -0.86 -15.86
C PRO B 37 9.87 0.53 -16.51
N PHE B 38 8.64 1.02 -16.39
CA PHE B 38 8.26 2.38 -16.75
C PHE B 38 8.71 3.45 -15.75
N MET B 39 8.88 3.09 -14.47
CA MET B 39 9.22 4.06 -13.45
C MET B 39 10.71 4.19 -13.24
N THR B 40 11.47 3.21 -13.66
CA THR B 40 12.89 3.17 -13.36
C THR B 40 13.69 4.45 -13.70
N PRO B 41 13.48 5.09 -14.88
CA PRO B 41 14.23 6.31 -15.18
C PRO B 41 13.95 7.47 -14.19
N PHE B 42 12.72 7.55 -13.70
CA PHE B 42 12.32 8.59 -12.82
C PHE B 42 12.96 8.42 -11.42
N ILE B 43 12.94 7.19 -10.90
CA ILE B 43 13.53 6.85 -9.62
C ILE B 43 15.03 7.05 -9.68
N PHE B 44 15.63 6.67 -10.76
CA PHE B 44 17.07 6.82 -10.97
C PHE B 44 17.56 8.27 -10.82
N ASP B 45 16.75 9.22 -11.26
CA ASP B 45 17.09 10.65 -11.24
C ASP B 45 16.59 11.33 -9.99
N TYR B 46 15.38 11.00 -9.58
CA TYR B 46 14.81 11.62 -8.37
C TYR B 46 15.64 11.31 -7.10
N HIS B 47 16.31 10.16 -7.09
CA HIS B 47 17.17 9.75 -5.97
C HIS B 47 18.65 9.72 -6.32
N SER B 48 18.99 10.20 -7.52
CA SER B 48 20.37 10.54 -7.86
C SER B 48 21.23 9.28 -7.81
N LEU B 49 20.73 8.21 -8.40
CA LEU B 49 21.38 6.94 -8.36
C LEU B 49 22.37 6.89 -9.50
N ASN B 50 23.43 6.12 -9.31
CA ASN B 50 24.57 6.08 -10.20
C ASN B 50 24.61 4.86 -11.10
N ASP B 51 24.03 3.77 -10.64
CA ASP B 51 23.97 2.59 -11.48
C ASP B 51 22.79 1.67 -11.14
N PHE B 52 22.65 0.60 -11.92
CA PHE B 52 21.61 -0.40 -11.74
C PHE B 52 21.62 -1.06 -10.33
N ASP B 53 22.80 -1.31 -9.80
CA ASP B 53 22.95 -1.86 -8.45
C ASP B 53 22.26 -0.98 -7.42
N GLU B 54 22.52 0.31 -7.49
CA GLU B 54 21.91 1.29 -6.63
C GLU B 54 20.42 1.43 -6.85
N LEU B 55 19.95 1.17 -8.05
CA LEU B 55 18.50 1.22 -8.30
C LEU B 55 17.83 0.01 -7.65
N VAL B 56 18.41 -1.16 -7.87
CA VAL B 56 17.93 -2.38 -7.27
C VAL B 56 17.92 -2.21 -5.73
N GLU B 57 19.02 -1.65 -5.21
CA GLU B 57 19.22 -1.40 -3.78
C GLU B 57 18.09 -0.53 -3.23
N ALA B 58 17.76 0.51 -3.99
CA ALA B 58 16.69 1.45 -3.65
C ALA B 58 15.30 0.87 -3.67
N ILE B 59 14.95 0.11 -4.71
CA ILE B 59 13.64 -0.54 -4.76
C ILE B 59 13.51 -1.63 -3.68
N ILE B 60 14.59 -2.32 -3.38
CA ILE B 60 14.57 -3.38 -2.35
C ILE B 60 14.27 -2.75 -0.98
N ALA B 61 14.99 -1.67 -0.68
CA ALA B 61 14.76 -0.91 0.58
C ALA B 61 13.33 -0.50 0.70
N LYS B 62 12.72 -0.04 -0.38
CA LYS B 62 11.27 0.28 -0.33
C LYS B 62 10.42 -0.95 -0.15
N HIS B 63 10.81 -2.04 -0.84
CA HIS B 63 10.10 -3.32 -0.76
C HIS B 63 10.04 -3.82 0.68
N LEU B 64 11.21 -3.87 1.29
CA LEU B 64 11.34 -4.29 2.67
C LEU B 64 10.59 -3.32 3.64
N MET B 65 10.92 -2.02 3.57
CA MET B 65 10.28 -1.00 4.43
C MET B 65 8.76 -0.95 4.36
N THR B 66 8.21 -1.14 3.17
CA THR B 66 6.75 -1.22 2.98
C THR B 66 6.15 -2.47 3.59
N GLY B 67 6.87 -3.59 3.47
CA GLY B 67 6.44 -4.83 4.09
C GLY B 67 6.44 -4.76 5.59
N HIS B 68 7.43 -4.07 6.15
CA HIS B 68 7.50 -3.85 7.60
C HIS B 68 6.18 -3.18 8.04
N ASP B 69 5.80 -2.08 7.37
CA ASP B 69 4.51 -1.36 7.62
C ASP B 69 3.32 -2.29 7.55
N THR B 70 3.25 -3.03 6.48
CA THR B 70 2.13 -3.91 6.22
C THR B 70 2.05 -5.01 7.25
N GLY B 71 3.18 -5.60 7.57
CA GLY B 71 3.26 -6.68 8.55
C GLY B 71 3.03 -6.20 9.99
N PHE B 72 3.53 -5.02 10.32
CA PHE B 72 3.30 -4.45 11.65
C PHE B 72 1.82 -4.14 11.82
N GLY B 73 1.20 -3.61 10.77
CA GLY B 73 -0.25 -3.45 10.71
C GLY B 73 -1.00 -4.73 11.06
N LYS B 74 -0.59 -5.84 10.47
CA LYS B 74 -1.21 -7.11 10.77
C LYS B 74 -0.89 -7.59 12.19
N LEU B 75 0.28 -7.26 12.69
CA LEU B 75 0.70 -7.65 14.02
C LEU B 75 -0.24 -6.99 15.06
N ILE B 76 -0.33 -5.67 14.99
CA ILE B 76 -1.21 -4.89 15.84
C ILE B 76 -2.63 -5.44 15.79
N ASP B 77 -3.16 -5.53 14.58
CA ASP B 77 -4.56 -5.88 14.30
C ASP B 77 -4.95 -7.31 14.67
N GLU B 78 -4.14 -8.28 14.26
CA GLU B 78 -4.49 -9.70 14.38
C GLU B 78 -3.92 -10.42 15.58
N LYS B 79 -2.83 -9.89 16.13
CA LYS B 79 -2.11 -10.58 17.21
C LYS B 79 -2.14 -9.81 18.51
N ILE B 80 -1.59 -8.60 18.49
CA ILE B 80 -1.44 -7.82 19.71
C ILE B 80 -2.80 -7.51 20.34
N LEU B 81 -3.73 -6.97 19.56
CA LEU B 81 -5.05 -6.61 20.11
C LEU B 81 -5.78 -7.81 20.69
N PRO B 82 -5.95 -8.88 19.89
CA PRO B 82 -6.67 -10.06 20.41
C PRO B 82 -5.94 -10.90 21.45
N ARG B 83 -4.65 -11.16 21.25
CA ARG B 83 -3.92 -12.06 22.17
C ARG B 83 -3.45 -11.34 23.41
N VAL B 84 -2.97 -10.11 23.28
CA VAL B 84 -2.45 -9.36 24.43
C VAL B 84 -3.60 -8.77 25.24
N PHE B 85 -4.48 -8.07 24.55
CA PHE B 85 -5.62 -7.44 25.21
C PHE B 85 -6.86 -8.32 24.95
N GLY B 86 -8.03 -7.76 24.98
CA GLY B 86 -9.22 -8.58 24.71
C GLY B 86 -9.93 -8.22 23.44
N ALA B 87 -9.29 -7.39 22.62
CA ALA B 87 -9.91 -6.85 21.40
C ALA B 87 -9.88 -7.87 20.27
N TYR B 88 -10.92 -8.70 20.21
CA TYR B 88 -10.99 -9.82 19.29
C TYR B 88 -11.36 -9.40 17.89
N LYS B 89 -10.57 -9.87 16.92
CA LYS B 89 -10.69 -9.46 15.52
C LYS B 89 -11.94 -10.02 14.85
N LEU B 90 -12.49 -9.26 13.91
CA LEU B 90 -13.65 -9.70 13.10
C LEU B 90 -13.24 -10.15 11.70
N ASP B 91 -12.45 -11.22 11.62
CA ASP B 91 -12.19 -11.89 10.33
C ASP B 91 -13.40 -12.77 9.99
N LYS B 92 -13.55 -13.11 8.71
CA LYS B 92 -14.72 -13.87 8.21
C LYS B 92 -15.05 -15.09 9.04
N SER B 93 -14.02 -15.83 9.43
CA SER B 93 -14.18 -17.01 10.29
C SER B 93 -14.87 -16.70 11.63
N TYR B 94 -14.36 -15.69 12.34
CA TYR B 94 -14.92 -15.32 13.66
C TYR B 94 -16.31 -14.67 13.59
N ARG B 95 -16.57 -13.93 12.50
CA ARG B 95 -17.85 -13.26 12.30
C ARG B 95 -19.03 -14.24 12.19
N ALA B 96 -18.76 -15.44 11.66
CA ALA B 96 -19.80 -16.45 11.45
C ALA B 96 -20.31 -17.07 12.74
N ALA B 97 -19.38 -17.36 13.67
CA ALA B 97 -19.72 -17.99 14.95
C ALA B 97 -20.30 -16.99 15.97
N ASN B 98 -19.64 -15.84 16.10
CA ASN B 98 -20.14 -14.76 16.94
C ASN B 98 -21.40 -14.20 16.29
N GLU B 99 -22.50 -14.20 17.05
CA GLU B 99 -23.85 -13.89 16.55
C GLU B 99 -23.94 -12.58 15.76
N PRO B 100 -24.89 -12.49 14.81
CA PRO B 100 -25.03 -11.51 13.72
C PRO B 100 -24.10 -10.29 13.64
N PHE B 101 -22.80 -10.57 13.54
CA PHE B 101 -21.79 -9.63 13.06
C PHE B 101 -21.58 -9.78 11.53
N ILE B 102 -21.92 -10.96 11.02
CA ILE B 102 -21.85 -11.28 9.59
C ILE B 102 -22.40 -10.19 8.68
N HIS B 103 -23.52 -9.59 9.08
CA HIS B 103 -24.21 -8.60 8.25
C HIS B 103 -23.26 -7.47 7.83
N PRO B 104 -23.34 -7.03 6.54
CA PRO B 104 -22.41 -6.02 6.00
C PRO B 104 -22.36 -4.66 6.71
N CYS B 105 -23.31 -4.35 7.59
CA CYS B 105 -23.29 -3.09 8.34
C CYS B 105 -22.05 -2.99 9.25
N PHE B 106 -21.58 -4.15 9.69
CA PHE B 106 -20.41 -4.25 10.57
C PHE B 106 -19.07 -4.33 9.81
N ASP B 107 -19.06 -3.95 8.54
CA ASP B 107 -17.82 -4.03 7.74
C ASP B 107 -16.68 -3.27 8.41
N GLU B 108 -16.98 -2.07 8.88
CA GLU B 108 -15.98 -1.14 9.41
C GLU B 108 -15.57 -1.39 10.86
N ILE B 109 -16.17 -2.41 11.47
CA ILE B 109 -15.79 -2.85 12.82
C ILE B 109 -14.71 -3.91 12.70
N ASP B 110 -13.57 -3.64 13.29
CA ASP B 110 -12.45 -4.56 13.25
C ASP B 110 -12.39 -5.44 14.49
N HIS B 111 -12.82 -4.93 15.64
CA HIS B 111 -12.62 -5.61 16.91
C HIS B 111 -13.78 -5.46 17.92
N VAL B 112 -14.05 -6.53 18.66
CA VAL B 112 -14.93 -6.48 19.83
C VAL B 112 -14.09 -6.65 21.08
N ILE B 113 -14.43 -5.90 22.12
CA ILE B 113 -13.86 -6.11 23.45
C ILE B 113 -14.97 -6.05 24.50
N GLN B 114 -15.09 -7.12 25.28
CA GLN B 114 -16.02 -7.18 26.41
C GLN B 114 -15.24 -7.01 27.71
N ARG B 115 -15.56 -5.93 28.43
CA ARG B 115 -14.87 -5.62 29.69
C ARG B 115 -15.24 -6.60 30.82
N ASP B 116 -14.46 -6.57 31.89
CA ASP B 116 -14.70 -7.41 33.09
C ASP B 116 -16.12 -7.28 33.62
N ASP B 117 -16.61 -6.04 33.58
CA ASP B 117 -17.89 -5.67 34.17
C ASP B 117 -19.08 -5.72 33.19
N GLY B 118 -18.92 -6.37 32.04
CA GLY B 118 -20.04 -6.63 31.13
C GLY B 118 -20.16 -5.71 29.93
N ARG B 119 -19.52 -4.54 29.98
CA ARG B 119 -19.59 -3.57 28.86
C ARG B 119 -18.93 -4.10 27.59
N ILE B 120 -19.56 -3.86 26.43
CA ILE B 120 -19.01 -4.23 25.12
C ILE B 120 -18.75 -2.98 24.29
N GLU B 121 -17.58 -2.92 23.65
CA GLU B 121 -17.25 -1.80 22.76
C GLU B 121 -16.77 -2.31 21.41
N LEU B 122 -17.34 -1.78 20.33
CA LEU B 122 -16.88 -2.12 18.99
C LEU B 122 -15.85 -1.09 18.54
N LEU B 123 -14.75 -1.59 17.98
CA LEU B 123 -13.58 -0.77 17.64
C LEU B 123 -13.29 -0.78 16.15
N SER B 124 -13.27 0.39 15.54
CA SER B 124 -12.81 0.57 14.17
C SER B 124 -11.37 1.04 14.26
N LEU B 125 -10.44 0.09 14.19
CA LEU B 125 -9.03 0.35 14.38
C LEU B 125 -8.46 1.01 13.13
N LYS B 126 -7.70 2.08 13.32
CA LYS B 126 -7.07 2.81 12.26
C LYS B 126 -5.60 3.07 12.61
N ALA B 127 -4.81 3.48 11.62
CA ALA B 127 -3.38 3.69 11.79
C ALA B 127 -3.04 5.14 11.64
N GLY B 128 -1.95 5.57 12.27
CA GLY B 128 -1.30 6.85 11.99
C GLY B 128 -2.17 8.07 12.14
N LYS B 129 -1.85 9.12 11.40
CA LYS B 129 -2.69 10.33 11.42
C LYS B 129 -4.12 10.02 10.98
N TRP B 130 -4.25 9.46 9.77
CA TRP B 130 -5.56 9.12 9.18
C TRP B 130 -6.54 10.32 9.20
N THR B 131 -6.29 11.27 8.29
CA THR B 131 -7.02 12.53 8.26
C THR B 131 -8.21 12.49 7.30
N ILE B 132 -9.34 11.95 7.76
CA ILE B 132 -10.54 11.84 6.91
C ILE B 132 -11.27 13.18 6.73
N GLN B 133 -11.88 13.36 5.56
CA GLN B 133 -12.53 14.62 5.18
C GLN B 133 -14.04 14.47 5.22
N LEU B 134 -14.74 15.60 5.34
CA LEU B 134 -16.21 15.66 5.44
C LEU B 134 -16.95 14.49 4.80
N THR B 135 -16.64 14.20 3.53
CA THR B 135 -17.35 13.17 2.75
C THR B 135 -17.25 11.75 3.37
N MET B 136 -16.05 11.35 3.75
CA MET B 136 -15.82 10.04 4.39
C MET B 136 -16.30 9.99 5.85
N ALA B 137 -16.48 11.16 6.47
CA ALA B 137 -16.95 11.25 7.85
C ALA B 137 -18.47 11.11 7.91
N VAL B 138 -19.15 11.73 6.96
CA VAL B 138 -20.61 11.64 6.85
C VAL B 138 -21.08 10.18 6.69
N GLN B 139 -20.40 9.45 5.81
CA GLN B 139 -20.72 8.04 5.55
C GLN B 139 -20.34 7.14 6.73
N LEU B 140 -19.27 7.49 7.44
CA LEU B 140 -18.87 6.76 8.64
C LEU B 140 -19.79 7.04 9.83
N ASN B 141 -20.44 8.20 9.83
CA ASN B 141 -21.49 8.48 10.82
C ASN B 141 -22.76 7.65 10.55
N LYS B 142 -23.21 7.66 9.30
CA LYS B 142 -24.38 6.88 8.89
C LYS B 142 -24.16 5.38 9.10
N ALA B 143 -22.91 4.95 9.04
CA ALA B 143 -22.54 3.54 9.24
C ALA B 143 -22.61 3.14 10.72
N PHE B 144 -22.23 4.06 11.60
CA PHE B 144 -22.26 3.80 13.05
C PHE B 144 -23.69 3.89 13.62
N HIS B 145 -24.52 4.72 12.99
CA HIS B 145 -25.90 4.85 13.41
C HIS B 145 -26.69 3.59 13.07
N GLU B 146 -26.45 3.04 11.89
CA GLU B 146 -27.12 1.82 11.45
C GLU B 146 -26.79 0.63 12.35
N ILE B 147 -25.60 0.64 12.95
CA ILE B 147 -25.21 -0.38 13.93
C ILE B 147 -25.99 -0.20 15.24
N ILE B 148 -25.97 1.02 15.77
CA ILE B 148 -26.61 1.34 17.05
C ILE B 148 -28.15 1.24 16.99
N ASN B 149 -28.70 1.50 15.82
CA ASN B 149 -30.16 1.44 15.61
C ASN B 149 -30.66 0.01 15.49
N ASN B 150 -30.01 -0.77 14.63
CA ASN B 150 -30.50 -2.10 14.26
C ASN B 150 -30.02 -3.23 15.18
N TYR B 151 -28.97 -2.98 15.95
CA TYR B 151 -28.45 -3.95 16.90
C TYR B 151 -27.94 -3.26 18.16
N PRO B 152 -28.82 -2.55 18.88
CA PRO B 152 -28.41 -1.82 20.10
C PRO B 152 -27.80 -2.71 21.19
N GLY B 153 -28.43 -3.86 21.44
CA GLY B 153 -28.07 -4.73 22.57
C GLY B 153 -26.92 -5.69 22.31
N VAL B 154 -26.05 -5.36 21.35
CA VAL B 154 -24.81 -6.12 21.13
C VAL B 154 -23.57 -5.33 21.56
N ALA B 155 -23.71 -4.01 21.66
CA ALA B 155 -22.60 -3.13 22.07
C ALA B 155 -23.10 -1.86 22.78
N ASP B 156 -22.41 -1.49 23.85
CA ASP B 156 -22.74 -0.28 24.58
C ASP B 156 -22.29 0.95 23.80
N ASN B 157 -21.14 0.85 23.13
CA ASN B 157 -20.60 1.94 22.31
C ASN B 157 -19.63 1.52 21.21
N ILE B 158 -19.44 2.42 20.26
CA ILE B 158 -18.50 2.25 19.16
C ILE B 158 -17.31 3.16 19.39
N VAL B 159 -16.14 2.72 18.92
CA VAL B 159 -14.87 3.47 19.08
C VAL B 159 -14.05 3.49 17.80
N VAL B 160 -13.39 4.60 17.52
CA VAL B 160 -12.47 4.67 16.40
C VAL B 160 -11.06 4.92 16.95
N GLY B 161 -10.35 3.82 17.19
CA GLY B 161 -9.01 3.87 17.75
C GLY B 161 -7.94 4.13 16.71
N VAL B 162 -7.13 5.14 16.94
CA VAL B 162 -6.04 5.49 16.05
C VAL B 162 -4.73 5.20 16.81
N PHE B 163 -4.08 4.08 16.50
CA PHE B 163 -3.06 3.55 17.39
C PHE B 163 -1.73 4.31 17.41
N TYR B 164 -1.50 5.27 16.53
CA TYR B 164 -0.40 6.22 16.74
C TYR B 164 -0.68 7.59 16.13
N GLY B 165 0.19 8.54 16.45
CA GLY B 165 -0.02 9.94 16.10
C GLY B 165 -1.07 10.58 17.01
N ASN B 166 -1.55 11.76 16.65
CA ASN B 166 -2.59 12.42 17.43
C ASN B 166 -3.74 12.99 16.60
N SER B 167 -4.77 13.47 17.28
CA SER B 167 -5.89 14.17 16.63
C SER B 167 -5.89 15.64 16.99
N HIS B 168 -4.69 16.23 17.04
CA HIS B 168 -4.50 17.66 17.28
C HIS B 168 -5.17 18.53 16.20
N GLY B 169 -4.99 18.13 14.95
CA GLY B 169 -5.51 18.92 13.82
C GLY B 169 -6.80 18.40 13.21
N LEU B 170 -7.23 17.22 13.66
CA LEU B 170 -8.37 16.52 13.06
C LEU B 170 -9.59 16.48 14.00
N THR B 171 -9.63 17.41 14.96
CA THR B 171 -10.69 17.41 15.98
C THR B 171 -12.02 17.88 15.37
N ASP B 172 -11.96 18.89 14.51
CA ASP B 172 -13.16 19.42 13.84
C ASP B 172 -13.87 18.33 13.02
N LYS B 173 -13.09 17.48 12.36
CA LYS B 173 -13.63 16.45 11.50
C LYS B 173 -14.26 15.29 12.29
N TYR B 174 -13.65 14.90 13.42
CA TYR B 174 -14.23 13.88 14.29
C TYR B 174 -15.41 14.46 15.06
N ARG B 175 -15.36 15.78 15.30
CA ARG B 175 -16.47 16.50 15.92
C ARG B 175 -17.63 16.58 14.93
N ILE B 176 -18.37 15.49 14.83
CA ILE B 176 -19.47 15.34 13.88
C ILE B 176 -20.05 13.94 13.98
N LEU B 177 -19.19 12.96 13.72
CA LEU B 177 -19.57 11.54 13.77
C LEU B 177 -19.76 11.06 15.21
N GLY B 183 -21.25 17.53 17.73
CA GLY B 183 -21.53 17.32 16.32
C GLY B 183 -22.58 18.28 15.78
N ALA B 184 -22.15 19.50 15.47
CA ALA B 184 -23.04 20.57 15.01
C ALA B 184 -22.92 20.82 13.50
N ASN B 185 -23.81 20.22 12.69
CA ASN B 185 -24.07 20.68 11.31
C ASN B 185 -24.08 19.55 10.31
N HIS B 186 -24.70 19.78 9.16
CA HIS B 186 -24.58 18.87 8.01
C HIS B 186 -25.25 17.51 8.23
N ASN B 187 -25.29 16.72 7.16
CA ASN B 187 -26.00 15.42 7.15
C ASN B 187 -25.33 14.35 8.01
N VAL B 188 -25.89 14.12 9.20
CA VAL B 188 -25.34 13.14 10.14
C VAL B 188 -26.16 13.13 11.44
N ILE B 189 -26.63 11.94 11.83
CA ILE B 189 -27.41 11.77 13.06
C ILE B 189 -26.54 11.85 14.31
N ASP B 190 -27.03 12.56 15.33
CA ASP B 190 -26.27 12.81 16.55
C ASP B 190 -26.13 11.55 17.39
N ILE B 191 -24.88 11.16 17.64
CA ILE B 191 -24.56 10.00 18.49
C ILE B 191 -23.34 10.30 19.37
N ARG B 192 -23.31 11.54 19.88
CA ARG B 192 -22.14 12.11 20.56
C ARG B 192 -21.61 11.23 21.71
N ASP B 193 -22.52 10.58 22.43
CA ASP B 193 -22.16 9.84 23.65
C ASP B 193 -21.94 8.34 23.42
N LYS B 194 -22.16 7.88 22.19
CA LYS B 194 -21.93 6.47 21.83
C LYS B 194 -20.73 6.28 20.87
N VAL B 195 -20.14 7.37 20.38
CA VAL B 195 -19.08 7.30 19.40
C VAL B 195 -17.96 8.32 19.72
N HIS B 196 -16.79 7.77 20.08
CA HIS B 196 -15.63 8.57 20.45
C HIS B 196 -14.41 8.16 19.65
N VAL B 197 -13.52 9.12 19.44
CA VAL B 197 -12.27 8.92 18.71
C VAL B 197 -11.11 9.15 19.67
N TYR B 198 -10.47 8.06 20.09
CA TYR B 198 -9.22 8.10 20.88
C TYR B 198 -7.97 7.83 20.02
N ALA B 199 -6.97 8.67 20.14
CA ALA B 199 -5.72 8.52 19.36
C ALA B 199 -4.48 8.43 20.23
N GLY B 200 -3.44 7.78 19.69
CA GLY B 200 -2.15 7.65 20.34
C GLY B 200 -2.24 7.07 21.73
N LYS B 201 -1.64 7.76 22.70
CA LYS B 201 -1.65 7.37 24.12
C LYS B 201 -3.05 7.10 24.65
N GLU B 202 -4.01 7.88 24.18
CA GLU B 202 -5.40 7.73 24.63
C GLU B 202 -6.07 6.47 24.08
N PHE B 203 -5.72 6.07 22.84
CA PHE B 203 -6.20 4.76 22.30
C PHE B 203 -5.69 3.60 23.16
N TRP B 204 -4.40 3.62 23.44
CA TRP B 204 -3.76 2.56 24.22
C TRP B 204 -4.25 2.56 25.68
N SER B 205 -4.37 3.74 26.27
CA SER B 205 -5.00 3.90 27.60
C SER B 205 -6.41 3.34 27.57
N TRP B 206 -7.19 3.71 26.57
CA TRP B 206 -8.56 3.20 26.42
C TRP B 206 -8.58 1.69 26.28
N LEU B 207 -7.81 1.17 25.32
CA LEU B 207 -7.76 -0.30 25.05
C LEU B 207 -7.46 -1.08 26.33
N ASN B 208 -6.53 -0.55 27.10
CA ASN B 208 -6.09 -1.18 28.34
C ASN B 208 -6.76 -0.60 29.61
N ASN B 209 -7.96 -0.06 29.45
CA ASN B 209 -8.86 0.39 30.55
C ASN B 209 -8.19 1.20 31.66
N GLY B 210 -7.67 2.36 31.28
CA GLY B 210 -7.18 3.35 32.23
C GLY B 210 -5.70 3.48 32.42
N GLU B 211 -4.97 2.40 32.15
CA GLU B 211 -3.52 2.41 32.32
C GLU B 211 -2.89 3.31 31.24
N ALA B 212 -2.53 4.54 31.60
CA ALA B 212 -2.01 5.54 30.65
C ALA B 212 -0.60 5.24 30.09
N GLU B 213 0.19 4.45 30.83
CA GLU B 213 1.55 4.10 30.39
C GLU B 213 1.57 2.94 29.39
N THR B 214 0.39 2.42 29.02
CA THR B 214 0.26 1.22 28.19
C THR B 214 1.09 1.27 26.88
N GLN B 215 1.02 2.40 26.18
CA GLN B 215 1.77 2.56 24.96
C GLN B 215 3.27 2.30 25.13
N HIS B 216 3.79 2.74 26.28
CA HIS B 216 5.21 2.57 26.61
C HIS B 216 5.59 1.11 26.90
N TRP B 217 4.64 0.33 27.40
CA TRP B 217 4.86 -1.08 27.66
C TRP B 217 4.87 -1.87 26.35
N VAL B 218 4.08 -1.37 25.39
CA VAL B 218 4.07 -1.92 24.05
C VAL B 218 5.43 -1.64 23.40
N LEU B 219 5.89 -0.39 23.39
CA LEU B 219 7.17 -0.10 22.81
C LEU B 219 8.20 -1.08 23.39
N GLU B 220 8.34 -1.01 24.71
CA GLU B 220 9.26 -1.83 25.50
C GLU B 220 9.23 -3.32 25.17
N GLY B 221 8.05 -3.90 25.06
CA GLY B 221 7.91 -5.27 24.60
C GLY B 221 8.52 -5.47 23.21
N ILE B 222 8.28 -4.52 22.30
CA ILE B 222 8.85 -4.52 20.95
C ILE B 222 10.36 -4.33 21.02
N GLU B 223 10.85 -3.43 21.86
CA GLU B 223 12.30 -3.30 22.06
C GLU B 223 12.98 -4.58 22.54
N ARG B 224 12.32 -5.34 23.41
CA ARG B 224 12.90 -6.56 23.97
C ARG B 224 12.99 -7.70 22.92
N ALA B 225 11.98 -7.81 22.08
CA ALA B 225 12.00 -8.78 21.00
C ALA B 225 13.12 -8.50 19.99
N VAL B 226 13.35 -7.22 19.68
CA VAL B 226 14.37 -6.80 18.72
C VAL B 226 15.80 -7.01 19.29
N LYS B 227 15.99 -6.75 20.58
CA LYS B 227 17.25 -7.02 21.24
C LYS B 227 17.56 -8.52 21.22
N GLU B 228 16.56 -9.34 21.46
CA GLU B 228 16.77 -10.78 21.54
C GLU B 228 17.13 -11.28 20.16
N ALA B 229 16.35 -10.83 19.17
CA ALA B 229 16.48 -11.26 17.77
C ALA B 229 17.87 -11.02 17.22
N ASP B 230 18.57 -10.02 17.72
CA ASP B 230 20.00 -9.81 17.40
C ASP B 230 20.28 -9.78 15.90
N ILE B 231 19.88 -8.71 15.22
CA ILE B 231 19.86 -8.71 13.73
C ILE B 231 20.67 -7.58 13.13
N LYS B 232 21.15 -6.67 13.96
CA LYS B 232 21.83 -5.49 13.46
C LYS B 232 23.10 -5.85 12.69
N GLU B 233 23.91 -6.74 13.24
CA GLU B 233 25.19 -7.09 12.59
C GLU B 233 24.99 -7.99 11.38
N LYS B 234 24.11 -8.97 11.50
CA LYS B 234 23.95 -9.99 10.46
C LYS B 234 23.16 -9.51 9.24
N ASN B 235 22.19 -8.64 9.43
CA ASN B 235 21.32 -8.22 8.33
C ASN B 235 22.01 -7.46 7.22
N LYS B 236 23.12 -6.81 7.53
CA LYS B 236 23.80 -5.97 6.54
C LYS B 236 24.25 -6.85 5.39
N ASP B 237 24.85 -7.99 5.71
CA ASP B 237 25.17 -8.99 4.70
C ASP B 237 23.94 -9.61 4.05
N LEU B 238 22.99 -10.04 4.83
CA LEU B 238 21.81 -10.71 4.27
C LEU B 238 21.07 -9.90 3.22
N ILE B 239 20.95 -8.59 3.44
CA ILE B 239 20.21 -7.69 2.57
C ILE B 239 20.98 -7.40 1.26
N GLU B 240 22.30 -7.28 1.38
CA GLU B 240 23.22 -7.20 0.25
C GLU B 240 23.12 -8.43 -0.62
N LYS B 241 23.12 -9.60 0.01
CA LYS B 241 22.87 -10.85 -0.72
C LYS B 241 21.56 -10.83 -1.47
N PHE B 242 20.53 -10.25 -0.88
CA PHE B 242 19.18 -10.21 -1.49
C PHE B 242 19.21 -9.34 -2.75
N LYS B 243 20.01 -8.29 -2.72
CA LYS B 243 20.27 -7.49 -3.91
C LYS B 243 20.99 -8.29 -5.02
N GLU B 244 22.01 -9.04 -4.64
CA GLU B 244 22.71 -9.93 -5.58
C GLU B 244 21.76 -10.92 -6.25
N HIS B 245 20.86 -11.50 -5.48
CA HIS B 245 19.89 -12.45 -6.02
C HIS B 245 18.97 -11.78 -7.03
N VAL B 246 18.39 -10.65 -6.65
CA VAL B 246 17.51 -9.90 -7.55
C VAL B 246 18.24 -9.39 -8.78
N ALA B 247 19.43 -8.84 -8.59
CA ALA B 247 20.20 -8.23 -9.69
C ALA B 247 20.74 -9.22 -10.73
N LYS B 248 21.18 -10.40 -10.27
CA LYS B 248 21.61 -11.47 -11.20
C LYS B 248 20.53 -11.84 -12.22
N LYS B 249 19.27 -11.76 -11.82
CA LYS B 249 18.15 -11.97 -12.72
C LYS B 249 18.24 -11.10 -14.00
N TYR B 250 18.80 -9.89 -13.88
CA TYR B 250 18.81 -8.95 -14.98
C TYR B 250 20.18 -8.68 -15.62
N ASN B 251 21.24 -8.72 -14.81
CA ASN B 251 22.53 -8.16 -15.17
C ASN B 251 23.04 -8.52 -16.56
N GLU B 252 22.99 -9.80 -16.91
CA GLU B 252 23.53 -10.26 -18.20
C GLU B 252 23.00 -9.45 -19.36
N GLN B 253 21.67 -9.30 -19.45
CA GLN B 253 21.05 -8.65 -20.60
C GLN B 253 20.75 -7.16 -20.45
N VAL B 254 20.73 -6.65 -19.22
CA VAL B 254 20.26 -5.28 -18.98
C VAL B 254 21.43 -4.32 -18.90
N LEU B 255 22.54 -4.80 -18.36
CA LEU B 255 23.69 -3.97 -18.07
C LEU B 255 24.44 -3.62 -19.35
N ASN B 256 24.93 -2.39 -19.38
CA ASN B 256 26.04 -2.03 -20.26
C ASN B 256 27.33 -2.47 -19.54
N ALA B 257 28.49 -2.19 -20.10
CA ALA B 257 29.78 -2.49 -19.42
C ALA B 257 30.11 -1.51 -18.28
N ASP B 258 29.68 -0.26 -18.39
CA ASP B 258 29.90 0.70 -17.32
C ASP B 258 28.93 0.62 -16.11
N GLY B 259 28.06 -0.41 -16.08
CA GLY B 259 27.18 -0.63 -14.94
C GLY B 259 25.80 0.01 -15.01
N THR B 260 25.59 0.91 -15.99
CA THR B 260 24.24 1.49 -16.20
C THR B 260 23.28 0.50 -16.84
N ALA B 261 21.98 0.80 -16.71
CA ALA B 261 20.94 -0.04 -17.27
C ALA B 261 20.42 0.45 -18.64
N GLN B 262 20.19 -0.51 -19.53
CA GLN B 262 19.38 -0.27 -20.69
C GLN B 262 17.92 -0.41 -20.34
N TRP B 263 17.28 0.70 -20.01
CA TRP B 263 15.90 0.69 -19.50
C TRP B 263 14.94 -0.11 -20.36
N HIS B 264 15.09 0.02 -21.68
CA HIS B 264 14.28 -0.70 -22.65
C HIS B 264 14.54 -2.18 -22.69
N LYS B 265 15.77 -2.59 -22.41
CA LYS B 265 16.08 -4.00 -22.23
C LYS B 265 15.45 -4.57 -20.95
N LEU B 266 15.47 -3.79 -19.87
CA LEU B 266 14.76 -4.13 -18.64
C LEU B 266 13.27 -4.31 -18.95
N LEU B 267 12.66 -3.30 -19.57
CA LEU B 267 11.24 -3.29 -20.01
C LEU B 267 10.91 -4.52 -20.83
N GLU B 268 11.71 -4.75 -21.86
CA GLU B 268 11.51 -5.87 -22.78
C GLU B 268 11.43 -7.17 -22.02
N MET B 269 12.39 -7.33 -21.15
CA MET B 269 12.58 -8.52 -20.32
C MET B 269 11.55 -8.74 -19.22
N ILE B 270 10.98 -7.65 -18.67
CA ILE B 270 9.98 -7.73 -17.60
C ILE B 270 8.59 -7.90 -18.23
N ASN B 271 8.34 -7.19 -19.32
CA ASN B 271 7.06 -7.21 -20.01
C ASN B 271 6.85 -8.34 -21.03
N GLU B 272 7.80 -9.25 -21.17
CA GLU B 272 7.66 -10.39 -22.09
C GLU B 272 8.03 -11.70 -21.46
C1 GOL C . -2.86 15.32 -22.64
O1 GOL C . -3.80 15.16 -23.68
C2 GOL C . -2.96 16.71 -21.97
O2 GOL C . -4.16 17.30 -22.38
C3 GOL C . -2.89 16.70 -20.43
O3 GOL C . -1.91 15.81 -19.89
C1 GOL D . 5.10 22.45 -1.30
O1 GOL D . 4.16 22.40 -0.21
C2 GOL D . 4.60 21.94 -2.67
O2 GOL D . 3.19 22.19 -2.86
C3 GOL D . 5.32 22.62 -3.87
O3 GOL D . 6.73 22.87 -3.81
C1 GOL E . 8.39 3.36 8.54
O1 GOL E . 9.52 3.83 7.82
C2 GOL E . 7.67 4.44 9.39
O2 GOL E . 8.40 4.77 10.55
C3 GOL E . 6.29 3.98 9.87
O3 GOL E . 5.62 3.08 9.01
C1 GOL F . 13.24 -3.27 -29.55
O1 GOL F . 11.98 -3.93 -29.46
C2 GOL F . 13.38 -2.24 -28.42
O2 GOL F . 13.22 -0.92 -28.94
C3 GOL F . 14.74 -2.36 -27.71
O3 GOL F . 14.76 -3.31 -26.66
C1 GOL G . 11.94 -18.61 2.30
O1 GOL G . 11.21 -18.26 1.12
C2 GOL G . 11.79 -17.66 3.51
O2 GOL G . 10.42 -17.47 3.84
C3 GOL G . 12.43 -17.98 4.88
O3 GOL G . 13.49 -18.94 5.01
C1 GOL H . 18.32 2.57 -23.64
O1 GOL H . 17.60 1.34 -23.67
C2 GOL H . 18.39 3.08 -22.19
O2 GOL H . 17.35 4.01 -21.97
C3 GOL H . 19.72 3.72 -21.84
O3 GOL H . 20.75 2.78 -21.61
C1 GOL I . 18.72 -1.55 3.14
O1 GOL I . 19.28 -1.77 4.44
C2 GOL I . 19.62 -1.02 2.00
O2 GOL I . 21.00 -1.29 2.20
C3 GOL I . 19.33 -1.54 0.58
O3 GOL I . 18.27 -2.46 0.30
C1 GOL J . 9.41 1.27 -7.44
O1 GOL J . 10.47 1.10 -6.50
C2 GOL J . 9.10 -0.01 -8.26
O2 GOL J . 10.03 -0.26 -9.29
C3 GOL J . 7.77 0.15 -8.98
O3 GOL J . 6.62 0.32 -8.18
C1 GOL K . 14.80 5.23 -1.41
O1 GOL K . 15.50 5.49 -2.65
C2 GOL K . 14.28 3.78 -1.18
O2 GOL K . 15.39 3.07 -1.55
C3 GOL K . 14.01 3.24 0.24
O3 GOL K . 12.67 3.02 0.70
C1 GOL L . 7.68 -7.81 2.20
O1 GOL L . 8.72 -6.86 2.32
C2 GOL L . 7.33 -8.09 0.76
O2 GOL L . 6.16 -7.37 0.37
C3 GOL L . 7.18 -9.59 0.50
O3 GOL L . 8.44 -10.23 0.44
#